data_8FB4
#
_entry.id   8FB4
#
_cell.length_a   38.730
_cell.length_b   38.730
_cell.length_c   160.394
_cell.angle_alpha   90.000
_cell.angle_beta   90.000
_cell.angle_gamma   120.000
#
_symmetry.space_group_name_H-M   'P 31 2 1'
#
loop_
_entity.id
_entity.type
_entity.pdbx_description
1 polymer "DNA (5'-D(*GP*CP*TP*GP*GP*AP*TP*AP*TP*AP*TP*CP*CP*AP*GP*C)-3')"
2 non-polymer "4,4'-(1H-benzimidazole-2,6-diyl)di(benzene-1-carboximidamide)"
3 non-polymer 'CALCIUM ION'
4 water water
#
_entity_poly.entity_id   1
_entity_poly.type   'polydeoxyribonucleotide'
_entity_poly.pdbx_seq_one_letter_code
;(DG)(DC)(DT)(DG)(DG)(DA)(DT)(DA)(DT)(DA)(DT)(DC)(DC)(DA)(DG)(DC)
;
_entity_poly.pdbx_strand_id   A,B,C
#
loop_
_chem_comp.id
_chem_comp.type
_chem_comp.name
_chem_comp.formula
CA non-polymer 'CALCIUM ION' 'Ca 2'
DA DNA linking 2'-DEOXYADENOSINE-5'-MONOPHOSPHATE 'C10 H14 N5 O6 P'
DC DNA linking 2'-DEOXYCYTIDINE-5'-MONOPHOSPHATE 'C9 H14 N3 O7 P'
DG DNA linking 2'-DEOXYGUANOSINE-5'-MONOPHOSPHATE 'C10 H14 N5 O7 P'
DT DNA linking THYMIDINE-5'-MONOPHOSPHATE 'C10 H15 N2 O8 P'
WFB non-polymer 4,4'-(1H-benzimidazole-2,6-diyl)di(benzene-1-carboximidamide) 'C21 H18 N6'
#
# COMPACT_ATOMS: atom_id res chain seq x y z
C4 WFB D . 4.63 10.70 -11.03
C14 WFB D . 7.92 0.73 -11.69
C5 WFB D . 5.35 10.52 -12.20
C6 WFB D . 6.12 9.27 -12.46
C11 WFB D . 7.55 3.46 -12.11
C7 WFB D . 7.19 9.25 -13.38
C8 WFB D . 7.90 8.10 -13.67
C9 WFB D . 7.53 6.92 -13.03
C10 WFB D . 7.34 4.90 -12.32
C12 WFB D . 8.70 2.83 -12.55
C13 WFB D . 8.88 1.48 -12.34
N1 WFB D . 2.47 14.70 -12.51
N2 WFB D . 2.95 14.58 -10.30
C3 WFB D . 3.91 11.85 -10.80
N3 WFB D . 8.08 5.65 -13.12
C1 WFB D . 3.09 14.11 -11.52
C15 WFB D . 8.10 -0.73 -11.46
C16 WFB D . 6.76 1.36 -11.26
C17 WFB D . 6.58 2.72 -11.45
C18 WFB D . 6.47 6.91 -12.13
C19 WFB D . 5.75 8.07 -11.85
C2 WFB D . 3.87 12.86 -11.75
C20 WFB D . 5.31 11.54 -13.16
C21 WFB D . 4.58 12.69 -12.93
N4 WFB D . 7.05 -1.51 -11.29
N5 WFB D . 9.30 -1.25 -11.41
N6 WFB D . 6.37 5.61 -11.69
H3 WFB D . 2.45 15.29 -10.15
H6 WFB D . 4.61 10.01 -10.39
H7 WFB D . 7.43 10.05 -13.82
H8 WFB D . 8.61 8.12 -14.28
H9 WFB D . 9.37 3.33 -12.99
H10 WFB D . 9.67 1.06 -12.66
H1 WFB D . 1.98 15.41 -12.37
H2 WFB D . 2.56 14.39 -13.33
H4 WFB D . 3.36 14.19 -9.62
H5 WFB D . 3.45 11.96 -9.99
H15 WFB D . 6.08 0.86 -10.83
H16 WFB D . 5.80 3.13 -11.15
H18 WFB D . 5.03 8.05 -11.26
H19 WFB D . 5.79 11.44 -13.96
H20 WFB D . 4.57 13.37 -13.59
H11 WFB D . 6.23 -1.17 -11.32
H12 WFB D . 7.16 -2.38 -11.14
H13 WFB D . 9.40 -2.12 -11.27
H17 WFB D . 5.78 5.30 -11.13
H14 WFB D . 10.00 -0.74 -11.53
CA CA E . 20.08 17.53 4.72
CA CA F . -3.58 12.66 5.64
CA CA G . -4.82 8.61 2.77
CA CA H . -8.85 14.69 -2.57
CA CA I . -7.93 -16.32 -9.27
CA CA J . 4.08 7.41 2.36
CA CA K . 2.04 -7.60 -9.70
CA CA L . 11.31 2.69 -17.26
CA CA M . 2.84 6.92 10.96
CA CA N . 3.65 18.11 8.61
CA CA O . -0.05 23.80 13.61
C4 WFB P . -8.61 -9.74 9.14
C14 WFB P . 0.01 -5.47 13.09
C5 WFB P . -8.63 -10.01 10.51
C6 WFB P . -7.45 -9.69 11.37
C11 WFB P . -2.34 -6.97 12.84
C7 WFB P . -7.24 -10.34 12.61
C8 WFB P . -6.13 -10.08 13.39
C9 WFB P . -5.23 -9.12 12.95
C10 WFB P . -3.58 -7.75 12.68
C12 WFB P . -1.39 -7.29 13.81
C13 WFB P . -0.24 -6.54 13.94
N1 WFB P . -11.88 -10.92 6.68
N2 WFB P . -13.16 -11.26 8.51
C3 WFB P . -9.69 -10.04 8.34
N3 WFB P . -4.05 -8.65 13.53
C1 WFB P . -12.00 -10.93 7.99
C15 WFB P . 1.25 -4.65 13.22
C16 WFB P . -0.93 -5.15 12.13
C17 WFB P . -2.09 -5.90 11.99
C18 WFB P . -5.43 -8.47 11.74
C19 WFB P . -6.53 -8.74 10.94
C2 WFB P . -10.84 -10.62 8.87
C20 WFB P . -9.78 -10.59 11.04
C21 WFB P . -10.86 -10.90 10.23
N4 WFB P . 2.32 -5.16 13.80
N5 WFB P . 1.30 -3.43 12.75
N6 WFB P . -4.37 -7.61 11.59
H3 WFB P . -13.84 -11.47 7.99
H6 WFB P . -7.85 -9.34 8.77
H7 WFB P . -7.87 -10.97 12.91
H8 WFB P . -6.01 -10.53 14.21
H9 WFB P . -1.55 -8.02 14.38
H10 WFB P . 0.38 -6.77 14.61
H1 WFB P . -12.56 -11.12 6.17
H2 WFB P . -11.11 -10.70 6.32
H4 WFB P . -13.26 -11.28 9.40
H5 WFB P . -9.65 -9.85 7.42
H15 WFB P . -0.80 -4.42 11.56
H16 WFB P . -2.71 -5.68 11.33
H18 WFB P . -6.65 -8.30 10.13
H19 WFB P . -9.82 -10.78 11.96
H20 WFB P . -11.63 -11.31 10.61
H11 WFB P . 3.05 -4.66 13.87
H12 WFB P . 2.30 -5.98 14.13
H13 WFB P . 0.58 -3.08 12.36
H17 WFB P . -4.23 -7.07 10.91
H14 WFB P . 2.03 -2.95 12.83
CA CA Q . -13.04 -11.61 -0.08
CA CA R . -16.79 -12.66 -10.63
CA CA S . -6.83 -15.96 14.74
CA CA T . -12.50 15.16 16.68
#